data_7K62
#
_entry.id   7K62
#
_cell.length_a   62.100
_cell.length_b   66.250
_cell.length_c   86.120
_cell.angle_alpha   90.000
_cell.angle_beta   90.000
_cell.angle_gamma   90.000
#
_symmetry.space_group_name_H-M   'P 21 21 21'
#
loop_
_entity.id
_entity.type
_entity.pdbx_description
1 polymer 'Dihydrofolate reductase'
2 non-polymer 'NADP NICOTINAMIDE-ADENINE-DINUCLEOTIDE PHOSPHATE'
3 non-polymer '3-(2-{3-[(2,4-diamino-6-ethylpyrimidin-5-yl)oxy]propoxy}phenyl)propanoic acid'
4 non-polymer 1,2-ETHANEDIOL
5 water water
#
_entity_poly.entity_id   1
_entity_poly.type   'polypeptide(L)'
_entity_poly.pdbx_seq_one_letter_code
;MAHHHHHHMVGLIWAQSTSGVIGRGGDIPWRVPEDLSHFKRITMGHTVVMGRRTWDSLPASARPLPGRRNVVLSRQPGFV
AEGAEVVGSLEDALTGPEDTWVIGGEQIYTLALPRAIRCEVTEVDVDLPRDDDDALAPPLDETWQGDVGEWQVSRSGLRY
RFHSYYR
;
_entity_poly.pdbx_strand_id   A,B
#
loop_
_chem_comp.id
_chem_comp.type
_chem_comp.name
_chem_comp.formula
EDO non-polymer 1,2-ETHANEDIOL 'C2 H6 O2'
MMV non-polymer '3-(2-{3-[(2,4-diamino-6-ethylpyrimidin-5-yl)oxy]propoxy}phenyl)propanoic acid' 'C18 H24 N4 O4'
NAP non-polymer 'NADP NICOTINAMIDE-ADENINE-DINUCLEOTIDE PHOSPHATE' 'C21 H28 N7 O17 P3'
#
# COMPACT_ATOMS: atom_id res chain seq x y z
N HIS A 3 17.52 -12.50 21.54
CA HIS A 3 16.60 -12.66 22.65
C HIS A 3 15.19 -12.55 22.16
N HIS A 4 14.33 -13.41 22.71
CA HIS A 4 12.93 -13.46 22.33
C HIS A 4 12.07 -13.29 23.58
N HIS A 5 11.26 -12.22 23.58
CA HIS A 5 10.33 -11.91 24.66
C HIS A 5 9.13 -12.85 24.61
N HIS A 6 8.64 -13.26 25.79
CA HIS A 6 7.63 -14.32 25.88
C HIS A 6 6.43 -13.94 26.76
N HIS A 7 6.17 -12.65 26.95
CA HIS A 7 4.95 -12.21 27.60
C HIS A 7 4.16 -11.41 26.56
N HIS A 8 3.04 -11.98 26.11
CA HIS A 8 2.22 -11.39 25.06
C HIS A 8 3.06 -10.94 23.86
N MET A 9 4.02 -11.80 23.46
CA MET A 9 4.79 -11.50 22.26
C MET A 9 3.90 -11.63 21.04
N VAL A 10 3.87 -10.56 20.24
CA VAL A 10 3.22 -10.55 18.94
C VAL A 10 4.29 -10.39 17.89
N GLY A 11 4.32 -11.31 16.92
CA GLY A 11 5.24 -11.24 15.80
C GLY A 11 4.47 -11.23 14.50
N LEU A 12 5.09 -10.66 13.48
CA LEU A 12 4.59 -10.72 12.11
C LEU A 12 5.52 -11.57 11.27
N ILE A 13 4.97 -12.47 10.46
CA ILE A 13 5.80 -13.25 9.57
C ILE A 13 5.17 -13.24 8.18
N TRP A 14 5.97 -12.85 7.18
CA TRP A 14 5.51 -12.80 5.81
C TRP A 14 6.68 -13.08 4.89
N ALA A 15 6.34 -13.40 3.63
CA ALA A 15 7.29 -13.47 2.53
C ALA A 15 6.87 -12.41 1.53
N GLN A 16 7.85 -11.78 0.89
CA GLN A 16 7.53 -10.73 -0.06
C GLN A 16 8.53 -10.74 -1.19
N SER A 17 8.09 -10.27 -2.36
CA SER A 17 9.03 -9.94 -3.41
C SER A 17 9.84 -8.73 -2.98
N THR A 18 10.99 -8.53 -3.63
CA THR A 18 11.77 -7.32 -3.40
C THR A 18 10.91 -6.08 -3.62
N SER A 19 10.05 -6.11 -4.63
CA SER A 19 9.15 -5.00 -4.95
C SER A 19 8.04 -4.81 -3.92
N GLY A 20 7.93 -5.66 -2.91
CA GLY A 20 6.96 -5.44 -1.85
C GLY A 20 5.63 -6.16 -1.99
N VAL A 21 5.51 -7.06 -2.94
CA VAL A 21 4.26 -7.79 -3.14
C VAL A 21 4.24 -9.00 -2.20
N ILE A 22 3.13 -9.19 -1.50
CA ILE A 22 2.95 -10.42 -0.75
C ILE A 22 1.86 -11.30 -1.33
N GLY A 23 0.96 -10.73 -2.14
CA GLY A 23 -0.18 -11.49 -2.63
C GLY A 23 -0.77 -10.87 -3.88
N ARG A 24 -1.35 -11.72 -4.73
CA ARG A 24 -1.94 -11.28 -5.99
C ARG A 24 -2.99 -12.28 -6.42
N GLY A 25 -4.20 -11.79 -6.67
CA GLY A 25 -5.25 -12.68 -7.13
C GLY A 25 -5.62 -13.73 -6.11
N GLY A 26 -5.33 -13.49 -4.82
CA GLY A 26 -5.68 -14.45 -3.80
C GLY A 26 -4.60 -15.45 -3.46
N ASP A 27 -3.49 -15.44 -4.19
CA ASP A 27 -2.41 -16.40 -3.98
C ASP A 27 -1.12 -15.67 -3.64
N ILE A 28 -0.14 -16.45 -3.21
CA ILE A 28 1.24 -16.00 -3.11
C ILE A 28 1.90 -16.29 -4.46
N PRO A 29 2.29 -15.27 -5.23
CA PRO A 29 2.64 -15.45 -6.63
C PRO A 29 4.11 -15.81 -6.86
N TRP A 30 4.61 -16.83 -6.17
CA TRP A 30 5.92 -17.40 -6.46
C TRP A 30 6.01 -18.73 -5.74
N ARG A 31 6.99 -19.51 -6.15
CA ARG A 31 7.25 -20.81 -5.56
C ARG A 31 8.60 -20.79 -4.87
N VAL A 32 8.60 -20.79 -3.54
CA VAL A 32 9.81 -21.05 -2.76
C VAL A 32 9.50 -22.09 -1.69
N PRO A 33 9.74 -23.38 -1.95
CA PRO A 33 9.44 -24.40 -0.93
C PRO A 33 10.19 -24.17 0.39
N GLU A 34 11.45 -23.74 0.33
CA GLU A 34 12.20 -23.45 1.56
C GLU A 34 11.50 -22.40 2.43
N ASP A 35 10.64 -21.55 1.85
CA ASP A 35 9.89 -20.60 2.67
C ASP A 35 8.76 -21.30 3.42
N LEU A 36 8.11 -22.28 2.77
CA LEU A 36 7.16 -23.11 3.52
C LEU A 36 7.86 -23.76 4.72
N SER A 37 9.04 -24.35 4.50
CA SER A 37 9.77 -24.94 5.61
C SER A 37 10.07 -23.90 6.69
N HIS A 38 10.50 -22.70 6.29
CA HIS A 38 10.85 -21.62 7.22
C HIS A 38 9.63 -21.15 8.00
N PHE A 39 8.50 -20.96 7.30
CA PHE A 39 7.24 -20.57 7.96
C PHE A 39 6.80 -21.58 9.00
N LYS A 40 6.84 -22.88 8.67
CA LYS A 40 6.45 -23.90 9.65
C LYS A 40 7.41 -23.90 10.84
N ARG A 41 8.69 -23.69 10.58
CA ARG A 41 9.69 -23.81 11.64
C ARG A 41 9.45 -22.78 12.73
N ILE A 42 9.05 -21.58 12.34
CA ILE A 42 8.81 -20.48 13.27
C ILE A 42 7.45 -20.61 13.94
N THR A 43 6.40 -20.97 13.19
CA THR A 43 5.05 -20.89 13.73
C THR A 43 4.60 -22.15 14.45
N MET A 44 5.22 -23.31 14.19
CA MET A 44 4.69 -24.56 14.69
C MET A 44 4.58 -24.55 16.21
N GLY A 45 3.43 -24.97 16.70
CA GLY A 45 3.16 -25.03 18.13
C GLY A 45 2.67 -23.74 18.75
N HIS A 46 2.60 -22.66 17.99
CA HIS A 46 2.23 -21.35 18.49
C HIS A 46 0.82 -21.00 18.00
N THR A 47 0.34 -19.86 18.47
CA THR A 47 -0.93 -19.31 17.98
C THR A 47 -0.65 -18.57 16.69
N VAL A 48 -1.52 -18.71 15.69
CA VAL A 48 -1.40 -17.96 14.44
C VAL A 48 -2.67 -17.16 14.18
N VAL A 49 -2.50 -15.88 13.84
CA VAL A 49 -3.59 -14.94 13.59
C VAL A 49 -3.57 -14.56 12.13
N MET A 50 -4.75 -14.52 11.50
CA MET A 50 -4.83 -14.30 10.06
C MET A 50 -6.17 -13.69 9.68
N GLY A 51 -6.15 -12.84 8.64
CA GLY A 51 -7.38 -12.30 8.12
C GLY A 51 -8.21 -13.38 7.44
N ARG A 52 -9.48 -13.05 7.19
CA ARG A 52 -10.38 -14.01 6.56
C ARG A 52 -9.90 -14.35 5.16
N ARG A 53 -9.40 -13.36 4.40
CA ARG A 53 -8.92 -13.62 3.06
C ARG A 53 -7.77 -14.62 3.08
N THR A 54 -6.90 -14.54 4.09
CA THR A 54 -5.77 -15.47 4.15
C THR A 54 -6.23 -16.88 4.49
N TRP A 55 -7.20 -17.01 5.40
CA TRP A 55 -7.84 -18.29 5.65
C TRP A 55 -8.37 -18.88 4.34
N ASP A 56 -9.09 -18.07 3.55
CA ASP A 56 -9.64 -18.55 2.28
C ASP A 56 -8.52 -18.97 1.33
N SER A 57 -7.36 -18.32 1.40
CA SER A 57 -6.28 -18.63 0.47
C SER A 57 -5.58 -19.93 0.78
N LEU A 58 -5.74 -20.46 2.00
CA LEU A 58 -5.08 -21.70 2.36
C LEU A 58 -5.65 -22.86 1.53
N PRO A 59 -4.83 -23.83 1.16
CA PRO A 59 -5.38 -25.04 0.52
C PRO A 59 -6.14 -25.86 1.55
N ALA A 60 -7.23 -26.49 1.12
CA ALA A 60 -8.05 -27.27 2.05
C ALA A 60 -7.20 -28.22 2.89
N SER A 61 -6.10 -28.74 2.34
CA SER A 61 -5.22 -29.62 3.08
C SER A 61 -4.52 -28.94 4.25
N ALA A 62 -4.61 -27.61 4.38
CA ALA A 62 -3.97 -26.88 5.46
C ALA A 62 -4.94 -25.96 6.17
N ARG A 63 -6.22 -26.29 6.15
CA ARG A 63 -7.28 -25.53 6.82
C ARG A 63 -7.94 -26.44 7.85
N PRO A 64 -7.63 -26.30 9.14
CA PRO A 64 -6.73 -25.31 9.74
C PRO A 64 -5.26 -25.68 9.59
N LEU A 65 -4.36 -24.73 9.84
CA LEU A 65 -2.93 -25.00 9.80
C LEU A 65 -2.59 -25.95 10.94
N PRO A 66 -2.04 -27.12 10.66
CA PRO A 66 -1.90 -28.12 11.72
C PRO A 66 -0.82 -27.73 12.73
N GLY A 67 -1.01 -28.19 13.97
CA GLY A 67 -0.04 -27.96 15.01
C GLY A 67 0.03 -26.54 15.52
N ARG A 68 -0.93 -25.71 15.16
CA ARG A 68 -0.97 -24.32 15.59
C ARG A 68 -2.41 -23.98 15.96
N ARG A 69 -2.55 -23.09 16.93
CA ARG A 69 -3.86 -22.57 17.31
C ARG A 69 -4.26 -21.53 16.28
N ASN A 70 -5.31 -21.84 15.50
CA ASN A 70 -5.72 -20.99 14.37
C ASN A 70 -6.74 -19.97 14.83
N VAL A 71 -6.50 -18.71 14.51
CA VAL A 71 -7.39 -17.62 14.87
C VAL A 71 -7.62 -16.79 13.63
N VAL A 72 -8.88 -16.52 13.32
CA VAL A 72 -9.25 -15.87 12.07
C VAL A 72 -10.04 -14.60 12.36
N LEU A 73 -9.67 -13.52 11.70
CA LEU A 73 -10.32 -12.22 11.87
C LEU A 73 -11.30 -11.97 10.74
N SER A 74 -12.55 -11.67 11.11
CA SER A 74 -13.60 -11.36 10.16
C SER A 74 -14.58 -10.42 10.83
N ARG A 75 -15.04 -9.40 10.10
CA ARG A 75 -16.14 -8.58 10.58
C ARG A 75 -17.51 -9.21 10.30
N GLN A 76 -17.56 -10.30 9.56
CA GLN A 76 -18.82 -10.94 9.25
C GLN A 76 -19.36 -11.70 10.45
N PRO A 77 -20.46 -11.27 11.05
CA PRO A 77 -21.04 -12.02 12.17
C PRO A 77 -21.33 -13.46 11.77
N GLY A 78 -20.81 -14.39 12.56
CA GLY A 78 -21.10 -15.79 12.34
C GLY A 78 -20.31 -16.48 11.25
N PHE A 79 -19.31 -15.83 10.69
CA PHE A 79 -18.42 -16.52 9.75
C PHE A 79 -17.87 -17.77 10.41
N VAL A 80 -17.95 -18.90 9.71
CA VAL A 80 -17.45 -20.18 10.22
C VAL A 80 -16.08 -20.46 9.62
N ALA A 81 -15.11 -20.81 10.48
CA ALA A 81 -13.80 -21.27 10.03
C ALA A 81 -13.54 -22.58 10.75
N GLU A 82 -13.90 -23.69 10.09
CA GLU A 82 -13.85 -25.02 10.71
C GLU A 82 -12.45 -25.33 11.22
N GLY A 83 -12.35 -25.66 12.49
CA GLY A 83 -11.07 -25.94 13.11
C GLY A 83 -10.29 -24.72 13.56
N ALA A 84 -10.87 -23.53 13.46
CA ALA A 84 -10.19 -22.30 13.85
C ALA A 84 -11.14 -21.46 14.68
N GLU A 85 -10.57 -20.59 15.51
CA GLU A 85 -11.37 -19.62 16.26
C GLU A 85 -11.55 -18.37 15.41
N VAL A 86 -12.76 -17.83 15.40
CA VAL A 86 -13.07 -16.61 14.65
C VAL A 86 -13.33 -15.48 15.63
N VAL A 87 -12.69 -14.35 15.41
CA VAL A 87 -12.84 -13.19 16.28
C VAL A 87 -13.14 -11.96 15.44
N GLY A 88 -13.67 -10.93 16.09
CA GLY A 88 -14.07 -9.72 15.40
C GLY A 88 -13.20 -8.50 15.63
N SER A 89 -12.11 -8.66 16.36
CA SER A 89 -11.22 -7.54 16.60
C SER A 89 -9.81 -8.06 16.80
N LEU A 90 -8.84 -7.18 16.57
CA LEU A 90 -7.46 -7.50 16.88
C LEU A 90 -7.28 -7.79 18.37
N GLU A 91 -8.10 -7.17 19.21
CA GLU A 91 -8.01 -7.37 20.66
C GLU A 91 -8.37 -8.81 21.04
N ASP A 92 -9.50 -9.33 20.56
CA ASP A 92 -9.87 -10.69 20.91
C ASP A 92 -8.87 -11.69 20.34
N ALA A 93 -8.27 -11.37 19.19
CA ALA A 93 -7.28 -12.26 18.60
C ALA A 93 -6.05 -12.43 19.49
N LEU A 94 -5.62 -11.34 20.14
CA LEU A 94 -4.33 -11.34 20.85
C LEU A 94 -4.51 -11.53 22.35
N THR A 95 -5.63 -12.14 22.76
CA THR A 95 -5.95 -12.27 24.18
C THR A 95 -5.00 -13.21 24.90
N GLY A 96 -4.47 -14.22 24.20
CA GLY A 96 -3.60 -15.20 24.82
C GLY A 96 -2.20 -14.68 25.07
N PRO A 97 -1.61 -15.12 26.19
CA PRO A 97 -0.23 -14.71 26.50
C PRO A 97 0.82 -15.49 25.74
N GLU A 98 0.46 -16.65 25.21
CA GLU A 98 1.40 -17.45 24.45
C GLU A 98 1.89 -16.67 23.23
N ASP A 99 3.11 -17.01 22.77
CA ASP A 99 3.63 -16.43 21.54
C ASP A 99 2.62 -16.53 20.43
N THR A 100 2.37 -15.40 19.75
CA THR A 100 1.37 -15.31 18.70
C THR A 100 1.98 -14.71 17.45
N TRP A 101 1.81 -15.39 16.31
CA TRP A 101 2.35 -14.93 15.03
C TRP A 101 1.21 -14.49 14.10
N VAL A 102 1.26 -13.25 13.65
CA VAL A 102 0.34 -12.76 12.64
C VAL A 102 0.87 -13.20 11.29
N ILE A 103 0.06 -13.95 10.53
CA ILE A 103 0.54 -14.61 9.33
C ILE A 103 -0.04 -14.02 8.05
N GLY A 104 -0.75 -12.89 8.12
CA GLY A 104 -1.30 -12.24 6.94
C GLY A 104 -2.82 -12.13 6.97
N GLY A 105 -3.36 -11.37 6.01
CA GLY A 105 -2.62 -10.73 4.94
C GLY A 105 -2.28 -9.27 5.22
N GLU A 106 -2.30 -8.43 4.17
CA GLU A 106 -1.88 -7.04 4.32
C GLU A 106 -2.74 -6.31 5.35
N GLN A 107 -4.06 -6.52 5.30
CA GLN A 107 -4.96 -5.84 6.20
C GLN A 107 -4.61 -6.16 7.65
N ILE A 108 -4.29 -7.42 7.94
CA ILE A 108 -3.99 -7.82 9.33
C ILE A 108 -2.58 -7.40 9.75
N TYR A 109 -1.60 -7.48 8.84
CA TYR A 109 -0.28 -6.93 9.13
C TYR A 109 -0.38 -5.47 9.53
N THR A 110 -1.05 -4.66 8.71
CA THR A 110 -1.19 -3.24 9.02
C THR A 110 -1.86 -3.03 10.37
N LEU A 111 -2.81 -3.90 10.72
CA LEU A 111 -3.55 -3.74 11.95
C LEU A 111 -2.73 -4.16 13.17
N ALA A 112 -1.99 -5.26 13.06
CA ALA A 112 -1.25 -5.76 14.22
C ALA A 112 0.10 -5.07 14.41
N LEU A 113 0.58 -4.33 13.42
CA LEU A 113 1.96 -3.85 13.48
C LEU A 113 2.27 -3.00 14.71
N PRO A 114 1.41 -2.10 15.19
CA PRO A 114 1.76 -1.35 16.42
C PRO A 114 1.91 -2.25 17.65
N ARG A 115 1.33 -3.46 17.62
CA ARG A 115 1.43 -4.42 18.72
C ARG A 115 2.62 -5.37 18.61
N ALA A 116 3.33 -5.38 17.48
CA ALA A 116 4.33 -6.39 17.20
C ALA A 116 5.72 -5.94 17.67
N ILE A 117 6.53 -6.92 18.09
CA ILE A 117 7.89 -6.65 18.54
C ILE A 117 8.89 -7.58 17.85
N ARG A 118 8.40 -8.39 16.90
CA ARG A 118 9.25 -9.22 16.05
C ARG A 118 8.67 -9.25 14.64
N CYS A 119 9.56 -9.30 13.64
CA CYS A 119 9.19 -9.56 12.25
C CYS A 119 10.14 -10.56 11.65
N GLU A 120 9.57 -11.58 10.97
CA GLU A 120 10.36 -12.58 10.26
C GLU A 120 9.96 -12.51 8.79
N VAL A 121 10.85 -11.99 7.96
CA VAL A 121 10.54 -11.65 6.58
C VAL A 121 11.38 -12.50 5.66
N THR A 122 10.73 -13.18 4.71
CA THR A 122 11.44 -13.78 3.58
C THR A 122 11.37 -12.80 2.43
N GLU A 123 12.50 -12.56 1.80
CA GLU A 123 12.55 -11.71 0.61
C GLU A 123 12.80 -12.60 -0.58
N VAL A 124 12.01 -12.44 -1.64
CA VAL A 124 12.12 -13.28 -2.83
C VAL A 124 12.43 -12.39 -4.02
N ASP A 125 13.54 -12.70 -4.71
CA ASP A 125 14.01 -11.91 -5.84
C ASP A 125 13.28 -12.38 -7.11
N VAL A 126 12.02 -11.97 -7.23
CA VAL A 126 11.18 -12.33 -8.36
C VAL A 126 10.68 -11.06 -9.06
N ASP A 127 10.73 -11.06 -10.39
CA ASP A 127 10.27 -9.98 -11.26
C ASP A 127 8.76 -9.80 -11.14
N LEU A 128 8.33 -8.96 -10.21
CA LEU A 128 6.92 -8.88 -9.84
C LEU A 128 6.55 -7.42 -9.60
N PRO A 129 6.45 -6.63 -10.67
CA PRO A 129 6.14 -5.19 -10.51
C PRO A 129 4.82 -5.02 -9.78
N ARG A 130 4.83 -4.12 -8.79
CA ARG A 130 3.69 -4.04 -7.89
C ARG A 130 2.48 -3.48 -8.61
N ASP A 131 1.31 -4.05 -8.30
CA ASP A 131 0.04 -3.53 -8.76
C ASP A 131 -0.81 -3.11 -7.57
N ASP A 132 -1.56 -2.03 -7.80
CA ASP A 132 -2.42 -1.41 -6.78
CA ASP A 132 -2.36 -1.44 -6.73
C ASP A 132 -3.42 -2.41 -6.19
N ASP A 133 -3.79 -3.45 -6.94
CA ASP A 133 -4.70 -4.45 -6.40
C ASP A 133 -3.99 -5.56 -5.63
N ASP A 134 -2.67 -5.64 -5.71
CA ASP A 134 -1.95 -6.65 -4.93
C ASP A 134 -2.20 -6.46 -3.44
N ALA A 135 -2.01 -7.54 -2.69
CA ALA A 135 -1.70 -7.39 -1.26
C ALA A 135 -0.22 -7.04 -1.14
N LEU A 136 0.09 -5.98 -0.40
CA LEU A 136 1.44 -5.46 -0.31
C LEU A 136 2.02 -5.65 1.09
N ALA A 137 3.34 -5.70 1.16
CA ALA A 137 4.03 -5.86 2.43
C ALA A 137 3.91 -4.60 3.29
N PRO A 138 3.84 -4.76 4.61
CA PRO A 138 3.89 -3.60 5.49
C PRO A 138 5.28 -3.01 5.52
N PRO A 139 5.40 -1.69 5.65
CA PRO A 139 6.73 -1.08 5.79
C PRO A 139 7.28 -1.27 7.18
N LEU A 140 8.60 -1.32 7.25
CA LEU A 140 9.31 -1.38 8.52
C LEU A 140 10.03 -0.05 8.77
N ASP A 141 9.67 0.63 9.84
CA ASP A 141 10.26 1.92 10.15
C ASP A 141 11.58 1.71 10.90
N GLU A 142 12.20 2.81 11.36
CA GLU A 142 13.53 2.78 11.95
C GLU A 142 13.56 2.27 13.39
N THR A 143 12.40 1.97 13.98
CA THR A 143 12.34 1.39 15.33
C THR A 143 12.86 -0.05 15.38
N TRP A 144 12.99 -0.71 14.24
CA TRP A 144 13.33 -2.12 14.17
C TRP A 144 14.83 -2.31 14.12
N GLN A 145 15.32 -3.23 14.92
CA GLN A 145 16.68 -3.73 14.84
C GLN A 145 16.60 -5.10 14.20
N GLY A 146 17.65 -5.50 13.50
CA GLY A 146 17.66 -6.87 13.05
C GLY A 146 18.85 -7.20 12.19
N ASP A 147 18.75 -8.36 11.58
CA ASP A 147 19.81 -8.97 10.80
C ASP A 147 19.20 -9.52 9.51
N VAL A 148 20.04 -9.76 8.52
CA VAL A 148 19.59 -10.30 7.25
C VAL A 148 20.53 -11.44 6.90
N GLY A 149 19.96 -12.60 6.56
CA GLY A 149 20.75 -13.73 6.15
C GLY A 149 21.37 -13.49 4.79
N GLU A 150 22.10 -14.51 4.33
CA GLU A 150 22.66 -14.51 2.99
C GLU A 150 21.59 -14.89 1.97
N TRP A 151 21.81 -14.44 0.73
CA TRP A 151 20.97 -14.89 -0.37
C TRP A 151 21.20 -16.37 -0.59
N GLN A 152 20.10 -17.11 -0.72
CA GLN A 152 20.15 -18.52 -1.06
C GLN A 152 19.36 -18.74 -2.34
N VAL A 153 19.54 -19.91 -2.94
CA VAL A 153 18.84 -20.27 -4.17
C VAL A 153 17.88 -21.39 -3.86
N SER A 154 16.62 -21.22 -4.29
CA SER A 154 15.57 -22.18 -4.07
C SER A 154 15.71 -23.35 -5.06
N ARG A 155 15.16 -24.50 -4.66
CA ARG A 155 14.93 -25.56 -5.64
C ARG A 155 14.12 -25.07 -6.83
N SER A 156 13.35 -24.00 -6.66
CA SER A 156 12.56 -23.50 -7.78
C SER A 156 13.36 -22.60 -8.70
N GLY A 157 14.60 -22.29 -8.35
CA GLY A 157 15.41 -21.39 -9.12
C GLY A 157 15.37 -19.95 -8.66
N LEU A 158 14.48 -19.60 -7.74
CA LEU A 158 14.38 -18.22 -7.27
C LEU A 158 15.40 -17.95 -6.16
N ARG A 159 15.98 -16.77 -6.18
CA ARG A 159 16.81 -16.31 -5.07
CA ARG A 159 16.80 -16.35 -5.07
C ARG A 159 15.93 -15.82 -3.93
N TYR A 160 16.32 -16.16 -2.70
CA TYR A 160 15.57 -15.72 -1.53
C TYR A 160 16.55 -15.48 -0.37
N ARG A 161 16.07 -14.76 0.65
CA ARG A 161 16.85 -14.58 1.88
C ARG A 161 15.92 -14.18 3.01
N PHE A 162 16.38 -14.44 4.23
CA PHE A 162 15.57 -14.27 5.43
C PHE A 162 16.05 -13.02 6.16
N HIS A 163 15.11 -12.15 6.52
CA HIS A 163 15.30 -11.03 7.44
C HIS A 163 14.66 -11.36 8.77
N SER A 164 15.30 -10.94 9.86
CA SER A 164 14.75 -11.14 11.20
C SER A 164 14.91 -9.85 12.02
N TYR A 165 13.80 -9.18 12.34
CA TYR A 165 13.83 -7.91 13.06
C TYR A 165 13.13 -8.00 14.41
N TYR A 166 13.47 -7.07 15.30
CA TYR A 166 12.89 -7.04 16.64
C TYR A 166 13.00 -5.64 17.21
N ARG A 167 12.16 -5.35 18.20
CA ARG A 167 12.19 -4.06 18.93
C ARG A 167 11.55 -4.26 20.28
N HIS B 3 -9.36 -4.31 -13.74
CA HIS B 3 -8.19 -4.56 -14.59
C HIS B 3 -7.40 -3.30 -14.70
N HIS B 4 -6.10 -3.44 -14.51
CA HIS B 4 -5.16 -2.33 -14.56
C HIS B 4 -4.27 -2.50 -15.79
N HIS B 5 -4.53 -1.69 -16.82
CA HIS B 5 -3.67 -1.67 -18.00
C HIS B 5 -2.26 -1.25 -17.60
N HIS B 6 -1.26 -1.99 -18.08
CA HIS B 6 0.12 -1.71 -17.72
C HIS B 6 0.97 -1.40 -18.96
N HIS B 7 0.36 -0.76 -19.96
CA HIS B 7 1.07 -0.25 -21.13
C HIS B 7 0.66 1.19 -21.36
N HIS B 8 1.57 2.12 -21.09
CA HIS B 8 1.31 3.56 -21.22
C HIS B 8 0.11 4.00 -20.38
N MET B 9 -0.10 3.34 -19.25
CA MET B 9 -1.18 3.74 -18.35
C MET B 9 -0.82 5.09 -17.74
N VAL B 10 -1.68 6.07 -17.99
CA VAL B 10 -1.66 7.36 -17.33
C VAL B 10 -2.85 7.42 -16.39
N GLY B 11 -2.59 7.73 -15.14
CA GLY B 11 -3.65 7.85 -14.16
C GLY B 11 -3.51 9.16 -13.40
N LEU B 12 -4.64 9.64 -12.92
CA LEU B 12 -4.71 10.82 -12.07
C LEU B 12 -4.99 10.40 -10.64
N ILE B 13 -4.25 10.96 -9.69
CA ILE B 13 -4.54 10.69 -8.28
C ILE B 13 -4.60 12.03 -7.55
N TRP B 14 -5.72 12.29 -6.86
CA TRP B 14 -5.86 13.50 -6.08
C TRP B 14 -6.76 13.25 -4.87
N ALA B 15 -6.74 14.21 -3.95
CA ALA B 15 -7.68 14.27 -2.84
C ALA B 15 -8.44 15.60 -2.90
N GLN B 16 -9.74 15.54 -2.64
CA GLN B 16 -10.56 16.73 -2.74
C GLN B 16 -11.56 16.78 -1.60
N SER B 17 -11.93 17.99 -1.22
CA SER B 17 -13.10 18.13 -0.38
C SER B 17 -14.34 17.73 -1.18
N THR B 18 -15.44 17.51 -0.46
CA THR B 18 -16.71 17.25 -1.12
C THR B 18 -17.06 18.37 -2.08
N SER B 19 -16.71 19.60 -1.69
CA SER B 19 -16.93 20.80 -2.48
C SER B 19 -16.01 20.93 -3.68
N GLY B 20 -15.09 20.00 -3.91
CA GLY B 20 -14.26 20.04 -5.10
C GLY B 20 -12.95 20.81 -4.98
N VAL B 21 -12.52 21.13 -3.77
CA VAL B 21 -11.29 21.88 -3.56
C VAL B 21 -10.13 20.92 -3.38
N ILE B 22 -9.06 21.13 -4.13
CA ILE B 22 -7.84 20.34 -3.90
C ILE B 22 -6.72 21.16 -3.28
N GLY B 23 -6.77 22.49 -3.35
CA GLY B 23 -5.66 23.29 -2.86
C GLY B 23 -6.11 24.70 -2.54
N ARG B 24 -5.43 25.31 -1.57
CA ARG B 24 -5.73 26.68 -1.17
C ARG B 24 -4.46 27.31 -0.63
N GLY B 25 -4.12 28.48 -1.17
CA GLY B 25 -2.95 29.18 -0.68
C GLY B 25 -1.68 28.35 -0.76
N GLY B 26 -1.61 27.47 -1.74
CA GLY B 26 -0.41 26.69 -1.99
C GLY B 26 -0.32 25.37 -1.23
N ASP B 27 -1.23 25.09 -0.31
CA ASP B 27 -1.23 23.82 0.42
C ASP B 27 -2.54 23.06 0.21
N ILE B 28 -2.57 21.86 0.79
CA ILE B 28 -3.77 21.04 0.82
C ILE B 28 -4.47 21.30 2.15
N PRO B 29 -5.71 21.86 2.16
CA PRO B 29 -6.27 22.48 3.36
C PRO B 29 -7.03 21.52 4.27
N TRP B 30 -6.44 20.37 4.55
CA TRP B 30 -7.03 19.46 5.53
C TRP B 30 -5.96 18.46 5.92
N ARG B 31 -6.22 17.76 7.01
CA ARG B 31 -5.30 16.78 7.53
C ARG B 31 -5.99 15.41 7.53
N VAL B 32 -5.57 14.54 6.63
CA VAL B 32 -6.01 13.16 6.64
C VAL B 32 -4.77 12.29 6.46
N PRO B 33 -4.11 11.86 7.53
CA PRO B 33 -2.89 11.08 7.35
C PRO B 33 -3.14 9.77 6.60
N GLU B 34 -4.36 9.22 6.69
CA GLU B 34 -4.65 8.02 5.90
C GLU B 34 -4.55 8.28 4.40
N ASP B 35 -4.76 9.53 3.96
CA ASP B 35 -4.56 9.86 2.55
C ASP B 35 -3.09 9.81 2.16
N LEU B 36 -2.20 10.28 3.04
CA LEU B 36 -0.78 10.10 2.77
C LEU B 36 -0.45 8.62 2.60
N SER B 37 -0.99 7.75 3.46
CA SER B 37 -0.73 6.32 3.29
C SER B 37 -1.25 5.83 1.95
N HIS B 38 -2.48 6.22 1.61
CA HIS B 38 -3.13 5.83 0.36
C HIS B 38 -2.34 6.31 -0.86
N PHE B 39 -1.98 7.60 -0.89
CA PHE B 39 -1.18 8.17 -1.98
C PHE B 39 0.16 7.45 -2.16
N LYS B 40 0.87 7.18 -1.06
CA LYS B 40 2.14 6.47 -1.21
C LYS B 40 1.90 5.05 -1.72
N ARG B 41 0.88 4.38 -1.21
CA ARG B 41 0.62 3.00 -1.58
C ARG B 41 0.49 2.87 -3.08
N ILE B 42 -0.19 3.83 -3.70
CA ILE B 42 -0.51 3.73 -5.13
C ILE B 42 0.69 4.13 -5.97
N THR B 43 1.39 5.19 -5.58
CA THR B 43 2.44 5.74 -6.43
C THR B 43 3.81 5.11 -6.20
N MET B 44 4.05 4.47 -5.04
CA MET B 44 5.36 3.89 -4.76
C MET B 44 5.83 3.03 -5.91
N GLY B 45 7.06 3.28 -6.36
CA GLY B 45 7.68 2.48 -7.40
C GLY B 45 7.39 2.91 -8.82
N HIS B 46 6.49 3.86 -9.02
CA HIS B 46 6.05 4.31 -10.35
C HIS B 46 6.58 5.71 -10.63
N THR B 47 6.29 6.19 -11.83
CA THR B 47 6.65 7.54 -12.25
C THR B 47 5.55 8.51 -11.84
N VAL B 48 5.95 9.66 -11.30
CA VAL B 48 5.00 10.68 -10.85
C VAL B 48 5.24 11.97 -11.62
N VAL B 49 4.16 12.54 -12.13
CA VAL B 49 4.16 13.73 -12.98
C VAL B 49 3.43 14.83 -12.21
N MET B 50 4.02 16.03 -12.17
CA MET B 50 3.47 17.10 -11.35
C MET B 50 3.84 18.46 -11.94
N GLY B 51 2.95 19.43 -11.75
CA GLY B 51 3.28 20.80 -12.10
C GLY B 51 4.31 21.38 -11.15
N ARG B 52 4.88 22.53 -11.53
CA ARG B 52 5.91 23.16 -10.69
C ARG B 52 5.35 23.57 -9.34
N ARG B 53 4.19 24.22 -9.32
CA ARG B 53 3.58 24.65 -8.06
C ARG B 53 3.45 23.49 -7.09
N THR B 54 3.09 22.29 -7.60
CA THR B 54 2.99 21.14 -6.70
C THR B 54 4.37 20.74 -6.18
N TRP B 55 5.38 20.71 -7.05
CA TRP B 55 6.74 20.46 -6.58
C TRP B 55 7.13 21.47 -5.51
N ASP B 56 6.76 22.74 -5.70
CA ASP B 56 7.07 23.75 -4.68
C ASP B 56 6.33 23.45 -3.39
N SER B 57 5.08 22.98 -3.48
CA SER B 57 4.24 22.71 -2.33
C SER B 57 4.73 21.54 -1.49
N LEU B 58 5.66 20.75 -2.01
CA LEU B 58 6.19 19.63 -1.25
C LEU B 58 7.12 20.15 -0.16
N PRO B 59 7.10 19.54 1.03
CA PRO B 59 8.12 19.88 2.03
C PRO B 59 9.48 19.44 1.55
N ALA B 60 10.52 20.14 2.00
CA ALA B 60 11.85 19.82 1.53
C ALA B 60 12.22 18.37 1.84
N SER B 61 11.64 17.80 2.90
CA SER B 61 11.89 16.41 3.27
C SER B 61 11.41 15.44 2.20
N ALA B 62 10.55 15.88 1.29
CA ALA B 62 9.92 15.02 0.28
C ALA B 62 10.19 15.52 -1.14
N ARG B 63 11.29 16.25 -1.32
CA ARG B 63 11.76 16.68 -2.64
C ARG B 63 13.14 16.09 -2.89
N PRO B 64 13.26 15.05 -3.73
CA PRO B 64 12.19 14.42 -4.52
C PRO B 64 11.33 13.47 -3.71
N LEU B 65 10.17 13.13 -4.25
CA LEU B 65 9.35 12.10 -3.67
C LEU B 65 10.11 10.78 -3.72
N PRO B 66 10.41 10.16 -2.58
CA PRO B 66 11.30 9.00 -2.59
C PRO B 66 10.63 7.78 -3.20
N GLY B 67 11.45 6.88 -3.73
CA GLY B 67 10.95 5.64 -4.29
C GLY B 67 10.14 5.81 -5.56
N ARG B 68 10.11 7.00 -6.14
CA ARG B 68 9.37 7.24 -7.37
C ARG B 68 10.22 8.10 -8.31
N ARG B 69 10.02 7.89 -9.60
CA ARG B 69 10.66 8.72 -10.62
C ARG B 69 9.91 10.03 -10.71
N ASN B 70 10.55 11.11 -10.25
CA ASN B 70 9.91 12.42 -10.16
C ASN B 70 10.07 13.16 -11.49
N VAL B 71 8.96 13.54 -12.09
CA VAL B 71 8.95 14.36 -13.28
C VAL B 71 8.17 15.62 -12.98
N VAL B 72 8.77 16.77 -13.28
CA VAL B 72 8.21 18.07 -12.93
C VAL B 72 7.97 18.83 -14.22
N LEU B 73 6.74 19.31 -14.40
CA LEU B 73 6.38 20.09 -15.57
C LEU B 73 6.62 21.57 -15.29
N SER B 74 7.44 22.19 -16.13
CA SER B 74 7.71 23.61 -16.03
C SER B 74 8.12 24.12 -17.40
N ARG B 75 7.78 25.38 -17.67
CA ARG B 75 8.23 26.08 -18.86
C ARG B 75 9.55 26.82 -18.65
N GLN B 76 10.09 26.80 -17.44
CA GLN B 76 11.29 27.58 -17.12
C GLN B 76 12.54 26.80 -17.50
N PRO B 77 13.31 27.27 -18.46
CA PRO B 77 14.58 26.60 -18.77
C PRO B 77 15.46 26.51 -17.53
N GLY B 78 16.06 25.34 -17.35
CA GLY B 78 16.98 25.13 -16.24
C GLY B 78 16.36 25.22 -14.86
N PHE B 79 15.06 24.94 -14.73
CA PHE B 79 14.44 24.99 -13.42
C PHE B 79 15.13 24.01 -12.48
N VAL B 80 15.45 24.46 -11.28
CA VAL B 80 16.17 23.63 -10.32
C VAL B 80 15.18 22.73 -9.60
N ALA B 81 15.30 21.42 -9.82
CA ALA B 81 14.50 20.43 -9.11
C ALA B 81 15.45 19.28 -8.78
N GLU B 82 16.13 19.40 -7.64
CA GLU B 82 17.15 18.42 -7.28
C GLU B 82 16.52 17.06 -7.13
N GLY B 83 17.04 16.09 -7.90
CA GLY B 83 16.52 14.74 -7.84
C GLY B 83 15.33 14.48 -8.71
N ALA B 84 14.96 15.42 -9.58
CA ALA B 84 13.76 15.25 -10.40
C ALA B 84 14.06 15.71 -11.83
N GLU B 85 13.44 15.02 -12.78
CA GLU B 85 13.49 15.44 -14.17
C GLU B 85 12.50 16.58 -14.40
N VAL B 86 12.95 17.59 -15.15
CA VAL B 86 12.07 18.68 -15.56
C VAL B 86 11.84 18.57 -17.06
N VAL B 87 10.59 18.78 -17.48
CA VAL B 87 10.22 18.81 -18.88
C VAL B 87 9.26 19.98 -19.10
N GLY B 88 9.12 20.38 -20.36
CA GLY B 88 8.39 21.58 -20.71
C GLY B 88 7.06 21.39 -21.40
N SER B 89 6.63 20.14 -21.62
CA SER B 89 5.33 19.85 -22.19
C SER B 89 4.78 18.58 -21.58
N LEU B 90 3.45 18.46 -21.65
CA LEU B 90 2.83 17.19 -21.27
C LEU B 90 3.40 16.02 -22.07
N GLU B 91 3.80 16.27 -23.32
CA GLU B 91 4.24 15.20 -24.22
C GLU B 91 5.51 14.52 -23.73
N ASP B 92 6.51 15.32 -23.35
CA ASP B 92 7.77 14.76 -22.85
C ASP B 92 7.57 14.10 -21.50
N ALA B 93 6.58 14.54 -20.72
CA ALA B 93 6.36 13.96 -19.40
C ALA B 93 5.96 12.50 -19.48
N LEU B 94 5.21 12.12 -20.53
CA LEU B 94 4.50 10.84 -20.55
C LEU B 94 5.04 9.88 -21.62
N THR B 95 6.31 10.02 -22.01
CA THR B 95 6.87 9.14 -23.04
C THR B 95 7.12 7.74 -22.50
N GLY B 96 7.55 7.62 -21.25
CA GLY B 96 7.84 6.32 -20.66
C GLY B 96 6.62 5.41 -20.67
N PRO B 97 6.83 4.14 -21.03
CA PRO B 97 5.71 3.19 -21.09
C PRO B 97 5.22 2.75 -19.72
N GLU B 98 6.03 2.91 -18.67
CA GLU B 98 5.68 2.47 -17.33
C GLU B 98 4.48 3.25 -16.80
N ASP B 99 3.79 2.65 -15.83
CA ASP B 99 2.72 3.33 -15.12
C ASP B 99 3.16 4.72 -14.69
N THR B 100 2.31 5.71 -14.96
CA THR B 100 2.61 7.10 -14.65
C THR B 100 1.41 7.74 -13.97
N TRP B 101 1.60 8.22 -12.75
CA TRP B 101 0.54 8.85 -11.97
C TRP B 101 0.75 10.35 -11.94
N VAL B 102 -0.26 11.09 -12.36
CA VAL B 102 -0.23 12.55 -12.34
C VAL B 102 -0.72 13.00 -10.97
N ILE B 103 0.09 13.77 -10.25
CA ILE B 103 -0.18 13.97 -8.84
C ILE B 103 -0.57 15.40 -8.51
N GLY B 104 -0.91 16.23 -9.50
CA GLY B 104 -1.30 17.61 -9.26
C GLY B 104 -0.37 18.61 -9.95
N GLY B 105 -0.84 19.86 -10.01
CA GLY B 105 -2.10 20.30 -9.43
C GLY B 105 -3.22 20.46 -10.46
N GLU B 106 -4.08 21.48 -10.29
CA GLU B 106 -5.25 21.57 -11.16
C GLU B 106 -4.85 21.70 -12.62
N GLN B 107 -3.81 22.49 -12.89
CA GLN B 107 -3.37 22.71 -14.26
C GLN B 107 -2.95 21.40 -14.91
N ILE B 108 -2.11 20.63 -14.20
CA ILE B 108 -1.65 19.37 -14.77
C ILE B 108 -2.77 18.33 -14.84
N TYR B 109 -3.68 18.31 -13.86
CA TYR B 109 -4.82 17.41 -13.98
C TYR B 109 -5.60 17.72 -15.24
N THR B 110 -5.93 18.99 -15.44
CA THR B 110 -6.68 19.37 -16.62
C THR B 110 -5.87 19.09 -17.87
N LEU B 111 -4.55 19.28 -17.81
CA LEU B 111 -3.75 19.03 -18.99
C LEU B 111 -3.68 17.55 -19.33
N ALA B 112 -3.65 16.67 -18.32
CA ALA B 112 -3.45 15.25 -18.56
C ALA B 112 -4.74 14.47 -18.71
N LEU B 113 -5.87 15.05 -18.30
CA LEU B 113 -7.10 14.28 -18.24
C LEU B 113 -7.45 13.58 -19.55
N PRO B 114 -7.32 14.20 -20.73
CA PRO B 114 -7.64 13.45 -21.96
C PRO B 114 -6.69 12.28 -22.24
N ARG B 115 -5.57 12.16 -21.51
CA ARG B 115 -4.64 11.05 -21.67
C ARG B 115 -4.79 9.97 -20.59
N ALA B 116 -5.61 10.21 -19.58
CA ALA B 116 -5.70 9.33 -18.42
C ALA B 116 -6.74 8.24 -18.66
N ILE B 117 -6.46 7.05 -18.10
CA ILE B 117 -7.42 5.96 -18.09
C ILE B 117 -7.69 5.42 -16.69
N ARG B 118 -7.08 6.01 -15.65
CA ARG B 118 -7.43 5.71 -14.27
C ARG B 118 -7.54 7.00 -13.46
N CYS B 119 -8.44 7.01 -12.48
CA CYS B 119 -8.45 8.05 -11.45
C CYS B 119 -8.58 7.41 -10.09
N GLU B 120 -7.78 7.89 -9.14
CA GLU B 120 -7.83 7.45 -7.75
C GLU B 120 -8.10 8.67 -6.91
N VAL B 121 -9.32 8.77 -6.38
CA VAL B 121 -9.80 9.99 -5.72
C VAL B 121 -10.04 9.70 -4.24
N THR B 122 -9.49 10.55 -3.38
CA THR B 122 -9.91 10.57 -1.99
C THR B 122 -10.88 11.74 -1.80
N GLU B 123 -12.07 11.45 -1.29
CA GLU B 123 -13.03 12.48 -0.95
C GLU B 123 -12.96 12.72 0.54
N VAL B 124 -12.88 13.99 0.95
CA VAL B 124 -12.76 14.36 2.35
C VAL B 124 -13.97 15.19 2.72
N ASP B 125 -14.75 14.70 3.66
CA ASP B 125 -15.96 15.39 4.13
C ASP B 125 -15.54 16.48 5.12
N VAL B 126 -15.03 17.57 4.58
CA VAL B 126 -14.66 18.74 5.38
C VAL B 126 -15.41 19.95 4.81
N ASP B 127 -16.10 20.68 5.69
CA ASP B 127 -16.93 21.80 5.27
C ASP B 127 -16.05 22.96 4.81
N LEU B 128 -15.82 23.02 3.50
CA LEU B 128 -14.82 23.91 2.91
C LEU B 128 -15.45 24.56 1.70
N PRO B 129 -16.20 25.65 1.89
CA PRO B 129 -16.84 26.32 0.76
C PRO B 129 -15.79 26.75 -0.26
N ARG B 130 -16.05 26.44 -1.52
CA ARG B 130 -15.05 26.70 -2.56
C ARG B 130 -14.81 28.21 -2.68
N ASP B 131 -13.53 28.57 -2.71
CA ASP B 131 -13.11 29.93 -3.00
C ASP B 131 -12.63 30.01 -4.45
N ASP B 132 -12.82 31.18 -5.06
CA ASP B 132 -12.59 31.29 -6.50
C ASP B 132 -11.11 31.24 -6.86
N ASP B 133 -10.23 31.49 -5.88
CA ASP B 133 -8.80 31.34 -6.06
C ASP B 133 -8.28 29.92 -5.81
N ASP B 134 -9.10 29.03 -5.27
CA ASP B 134 -8.63 27.68 -4.97
C ASP B 134 -8.18 26.96 -6.24
N ALA B 135 -7.34 25.95 -6.04
CA ALA B 135 -7.17 24.91 -7.06
C ALA B 135 -8.28 23.88 -6.88
N LEU B 136 -8.96 23.54 -7.97
CA LEU B 136 -10.16 22.73 -7.87
C LEU B 136 -9.95 21.37 -8.54
N ALA B 137 -10.74 20.41 -8.10
CA ALA B 137 -10.68 19.06 -8.67
C ALA B 137 -11.15 19.07 -10.13
N PRO B 138 -10.53 18.26 -10.99
CA PRO B 138 -11.05 18.13 -12.34
C PRO B 138 -12.35 17.36 -12.34
N PRO B 139 -13.28 17.69 -13.23
CA PRO B 139 -14.54 16.96 -13.26
C PRO B 139 -14.35 15.61 -13.95
N LEU B 140 -15.19 14.66 -13.59
CA LEU B 140 -15.18 13.35 -14.20
C LEU B 140 -16.48 13.15 -14.97
N ASP B 141 -16.38 12.93 -16.27
CA ASP B 141 -17.59 12.81 -17.08
C ASP B 141 -18.10 11.37 -17.05
N GLU B 142 -19.12 11.09 -17.86
CA GLU B 142 -19.81 9.81 -17.85
C GLU B 142 -19.00 8.67 -18.47
N THR B 143 -17.86 8.95 -19.11
CA THR B 143 -17.05 7.86 -19.65
C THR B 143 -16.31 7.06 -18.58
N TRP B 144 -16.26 7.55 -17.34
CA TRP B 144 -15.59 6.84 -16.27
C TRP B 144 -16.51 5.80 -15.66
N GLN B 145 -15.96 4.61 -15.45
CA GLN B 145 -16.56 3.56 -14.65
C GLN B 145 -15.78 3.51 -13.35
N GLY B 146 -16.45 3.17 -12.25
CA GLY B 146 -15.68 2.93 -11.05
C GLY B 146 -16.53 2.62 -9.84
N ASP B 147 -15.86 2.72 -8.69
CA ASP B 147 -16.42 2.28 -7.42
C ASP B 147 -16.14 3.32 -6.36
N VAL B 148 -16.96 3.31 -5.31
CA VAL B 148 -16.83 4.21 -4.18
C VAL B 148 -16.83 3.36 -2.92
N GLY B 149 -15.82 3.56 -2.07
CA GLY B 149 -15.76 2.88 -0.79
C GLY B 149 -16.67 3.52 0.25
N GLU B 150 -16.71 2.89 1.41
CA GLU B 150 -17.50 3.41 2.52
C GLU B 150 -16.79 4.59 3.17
N TRP B 151 -17.59 5.48 3.77
CA TRP B 151 -17.01 6.59 4.52
C TRP B 151 -16.23 6.03 5.69
N GLN B 152 -15.05 6.60 5.93
CA GLN B 152 -14.21 6.21 7.04
C GLN B 152 -13.88 7.43 7.88
N VAL B 153 -13.45 7.20 9.12
CA VAL B 153 -13.11 8.29 10.01
C VAL B 153 -11.59 8.31 10.17
N SER B 154 -10.99 9.46 9.85
CA SER B 154 -9.57 9.67 10.01
C SER B 154 -9.23 9.83 11.49
N ARG B 155 -7.96 9.54 11.81
CA ARG B 155 -7.43 9.88 13.13
C ARG B 155 -7.57 11.37 13.42
N SER B 156 -7.76 12.20 12.41
CA SER B 156 -8.01 13.62 12.60
C SER B 156 -9.47 13.93 12.88
N GLY B 157 -10.35 12.93 12.80
CA GLY B 157 -11.75 13.17 12.97
C GLY B 157 -12.50 13.47 11.69
N LEU B 158 -11.81 13.80 10.61
CA LEU B 158 -12.50 14.02 9.35
C LEU B 158 -12.99 12.71 8.75
N ARG B 159 -14.14 12.77 8.10
CA ARG B 159 -14.62 11.63 7.32
C ARG B 159 -14.00 11.66 5.93
N TYR B 160 -13.75 10.47 5.37
CA TYR B 160 -13.17 10.37 4.04
C TYR B 160 -13.56 9.05 3.38
N ARG B 161 -13.42 8.99 2.06
CA ARG B 161 -13.66 7.75 1.34
C ARG B 161 -12.92 7.78 0.01
N PHE B 162 -12.54 6.59 -0.45
CA PHE B 162 -11.75 6.44 -1.66
C PHE B 162 -12.69 6.12 -2.82
N HIS B 163 -12.51 6.83 -3.93
CA HIS B 163 -13.12 6.51 -5.22
C HIS B 163 -12.04 5.99 -6.16
N SER B 164 -12.38 4.99 -6.96
CA SER B 164 -11.49 4.46 -7.98
C SER B 164 -12.25 4.34 -9.31
N TYR B 165 -11.78 5.06 -10.33
CA TYR B 165 -12.42 5.11 -11.63
C TYR B 165 -11.48 4.63 -12.72
N TYR B 166 -12.06 4.13 -13.82
CA TYR B 166 -11.23 3.68 -14.93
C TYR B 166 -12.05 3.75 -16.23
N ARG B 167 -11.35 3.73 -17.35
CA ARG B 167 -11.99 3.75 -18.66
C ARG B 167 -11.03 3.21 -19.70
PA NAP C . -6.42 -10.41 4.83
O1A NAP C . -5.60 -9.46 5.64
O2A NAP C . -5.81 -11.82 4.88
O5B NAP C . -7.96 -10.54 5.30
C5B NAP C . -8.86 -9.44 5.10
C4B NAP C . -10.10 -9.64 5.93
O4B NAP C . -9.77 -9.59 7.33
C3B NAP C . -11.17 -8.58 5.75
O3B NAP C . -11.91 -8.79 4.55
C2B NAP C . -11.99 -8.88 7.00
O2B NAP C . -12.71 -10.10 6.77
C1B NAP C . -10.91 -9.15 8.05
N9A NAP C . -10.56 -7.98 8.85
C8A NAP C . -9.72 -6.95 8.51
N7A NAP C . -9.61 -6.02 9.43
C5A NAP C . -10.42 -6.47 10.45
C6A NAP C . -10.75 -5.93 11.71
N6A NAP C . -10.25 -4.78 12.19
N1A NAP C . -11.63 -6.62 12.48
C2A NAP C . -12.11 -7.78 12.02
N3A NAP C . -11.87 -8.40 10.86
C4A NAP C . -11.02 -7.68 10.11
O3 NAP C . -6.50 -9.88 3.34
PN NAP C . -5.47 -9.20 2.32
O1N NAP C . -6.12 -9.00 1.01
O2N NAP C . -4.84 -8.03 2.98
O5D NAP C . -4.39 -10.37 2.22
C5D NAP C . -4.69 -11.64 1.61
C4D NAP C . -3.71 -11.89 0.50
O4D NAP C . -2.38 -11.94 1.03
C3D NAP C . -3.91 -13.20 -0.29
O3D NAP C . -3.67 -13.04 -1.68
C2D NAP C . -2.86 -14.13 0.33
O2D NAP C . -2.42 -15.12 -0.60
C1D NAP C . -1.74 -13.13 0.65
N1N NAP C . -0.83 -13.58 1.80
C2N NAP C . 0.50 -13.55 1.60
C3N NAP C . 1.36 -13.85 2.64
C7N NAP C . 2.86 -13.76 2.48
O7N NAP C . 3.58 -13.93 3.46
N7N NAP C . 3.34 -13.44 1.28
C4N NAP C . 0.82 -14.22 3.86
C5N NAP C . -0.55 -14.28 4.03
C6N NAP C . -1.37 -13.93 2.97
P2B NAP C . -14.22 -10.13 6.17
O1X NAP C . -14.30 -9.54 4.82
O2X NAP C . -14.61 -11.58 6.24
O3X NAP C . -15.03 -9.35 7.20
C1 MMV D . 3.67 -16.21 5.81
N2 MMV D . 4.99 -15.99 5.97
C3 MMV D . 5.80 -16.68 5.18
N4 MMV D . 5.43 -17.58 4.23
C5 MMV D . 4.13 -17.79 4.06
C6 MMV D . 3.22 -17.16 4.82
N7 MMV D . 2.79 -15.57 6.56
N8 MMV D . 7.12 -16.44 5.35
C9 MMV D . 3.69 -18.79 2.97
C10 MMV D . 4.12 -20.23 3.37
O11 MMV D . 1.86 -17.38 4.65
C12 MMV D . 1.13 -18.26 5.54
C13 MMV D . -0.28 -18.50 4.97
C14 MMV D . -0.24 -19.29 3.65
O15 MMV D . 0.39 -20.58 3.88
C16 MMV D . 0.39 -21.60 2.93
C17 MMV D . 0.72 -22.90 3.36
C18 MMV D . 0.69 -23.91 2.38
C19 MMV D . 0.37 -23.63 1.06
C20 MMV D . 0.05 -22.33 0.67
C21 MMV D . 0.07 -21.33 1.61
C22 MMV D . 1.08 -23.23 4.80
C23 MMV D . 0.94 -24.68 5.33
C24 MMV D . 1.63 -24.85 6.73
O25 MMV D . 1.49 -25.93 7.36
O26 MMV D . 2.28 -23.84 7.11
C1 EDO E . 4.98 -21.37 -0.91
O1 EDO E . 5.51 -20.56 -1.98
C2 EDO E . 3.98 -22.42 -1.42
O2 EDO E . 4.60 -23.68 -1.77
PA NAP F . 0.26 23.07 -10.76
O1A NAP F . -0.72 22.39 -11.64
O2A NAP F . 0.83 22.10 -9.74
O5B NAP F . 1.54 23.72 -11.53
C5B NAP F . 1.41 24.88 -12.40
C4B NAP F . 2.71 25.06 -13.13
O4B NAP F . 2.96 23.90 -13.96
C3B NAP F . 2.79 26.25 -14.08
O3B NAP F . 3.07 27.48 -13.42
C2B NAP F . 3.99 25.77 -14.92
O2B NAP F . 5.25 25.93 -14.25
C1B NAP F . 3.68 24.29 -15.10
N9A NAP F . 2.92 24.00 -16.31
C8A NAP F . 1.58 24.22 -16.52
N7A NAP F . 1.17 23.94 -17.74
C5A NAP F . 2.32 23.48 -18.37
C6A NAP F . 2.57 23.04 -19.68
N6A NAP F . 1.64 22.98 -20.64
N1A NAP F . 3.83 22.66 -19.98
C2A NAP F . 4.77 22.73 -19.04
N3A NAP F . 4.66 23.14 -17.78
C4A NAP F . 3.41 23.51 -17.50
O3 NAP F . -0.47 24.31 -10.07
PN NAP F . -1.98 24.46 -9.55
O1N NAP F . -2.18 25.81 -8.97
O2N NAP F . -2.89 24.00 -10.62
O5D NAP F . -1.95 23.40 -8.36
C5D NAP F . -1.13 23.55 -7.17
C4D NAP F . -2.03 23.56 -5.96
O4D NAP F . -2.73 22.30 -5.89
C3D NAP F . -1.33 23.73 -4.60
O3D NAP F . -2.14 24.49 -3.69
C2D NAP F . -1.22 22.29 -4.09
O2D NAP F . -1.26 22.19 -2.67
C1D NAP F . -2.52 21.70 -4.64
N1N NAP F . -2.44 20.18 -4.85
C2N NAP F . -3.39 19.41 -4.28
C3N NAP F . -3.38 18.04 -4.49
C7N NAP F . -4.46 17.15 -3.93
O7N NAP F . -4.47 15.93 -4.24
N7N NAP F . -5.38 17.70 -3.15
C4N NAP F . -2.36 17.49 -5.27
C5N NAP F . -1.41 18.31 -5.83
C6N NAP F . -1.46 19.66 -5.61
P2B NAP F . 6.14 27.24 -14.50
O1X NAP F . 5.36 28.40 -13.93
O2X NAP F . 7.47 26.92 -13.87
O3X NAP F . 6.31 27.31 -16.02
C1 MMV G . -2.34 13.55 -4.50
N2 MMV G . -3.30 12.64 -4.36
C3 MMV G . -3.65 12.32 -3.11
N4 MMV G . -3.12 12.82 -1.97
C5 MMV G . -2.17 13.76 -2.09
C6 MMV G . -1.75 14.14 -3.31
N7 MMV G . -1.94 13.94 -5.70
N8 MMV G . -4.62 11.39 -2.97
C9 MMV G . -1.56 14.36 -0.84
C10 MMV G . -0.95 13.32 0.12
O11 MMV G . -0.75 15.11 -3.43
C12 MMV G . 0.58 14.66 -3.80
C13 MMV G . 1.49 15.88 -3.71
C14 MMV G . 1.58 16.35 -2.25
O15 MMV G . 2.12 15.30 -1.42
C16 MMV G . 2.56 15.57 -0.13
C17 MMV G . 3.39 14.65 0.51
C18 MMV G . 3.82 14.97 1.81
C19 MMV G . 3.41 16.15 2.43
C20 MMV G . 2.58 17.04 1.77
C21 MMV G . 2.16 16.75 0.48
C22 MMV G . 3.84 13.35 -0.16
C23 MMV G . 4.95 12.50 0.51
C24 MMV G . 5.27 11.15 -0.23
O25 MMV G . 6.34 10.55 0.03
O26 MMV G . 4.37 10.78 -1.04
C1 EDO H . -2.19 15.28 3.75
O1 EDO H . -3.46 15.68 4.31
C2 EDO H . -1.02 15.88 4.53
O2 EDO H . -0.69 15.07 5.67
#